data_4YFZ
#
_entry.id   4YFZ
#
_cell.length_a   54.960
_cell.length_b   55.280
_cell.length_c   56.570
_cell.angle_alpha   90.00
_cell.angle_beta   90.00
_cell.angle_gamma   90.00
#
_symmetry.space_group_name_H-M   'P 21 21 21'
#
loop_
_entity.id
_entity.type
_entity.pdbx_description
1 polymer 'Outer capsid protein VP4'
2 branched beta-D-galactopyranose-(1-3)-2-acetamido-2-deoxy-beta-D-glucopyranose-(1-3)-beta-D-galactopyranose-(1-4)-beta-D-glucopyranose
3 water water
#
_entity_poly.entity_id   1
_entity_poly.type   'polypeptide(L)'
_entity_poly.pdbx_seq_one_letter_code
;GSALDGPYTPDSSNLPSNYWYLINPLNDGVVFSVTNNSTFWMFTYLILPNTAQTNVTVNVMNETVNISIDNSGSTYRFVD
YFKTSSTQSYRQRNYLITEHRLQAYRRDESGNISNYWGSSTYGDLRVGTYFNPVLNAVINLNADFYIIPDSQQEKCTEYI
KGGL
;
_entity_poly.pdbx_strand_id   A
#
# COMPACT_ATOMS: atom_id res chain seq x y z
N ALA A 3 7.44 20.75 -5.92
CA ALA A 3 5.98 20.85 -5.81
C ALA A 3 5.64 20.18 -4.52
N LEU A 4 6.18 19.04 -4.42
CA LEU A 4 5.74 18.08 -3.51
C LEU A 4 6.91 17.92 -2.56
N ASP A 5 6.64 17.66 -1.29
CA ASP A 5 7.69 17.41 -0.36
C ASP A 5 8.20 16.00 -0.53
N GLY A 6 9.50 15.89 -0.81
CA GLY A 6 10.13 14.61 -1.07
C GLY A 6 11.05 14.68 -2.29
N PRO A 7 11.67 13.54 -2.67
CA PRO A 7 11.46 12.22 -2.09
C PRO A 7 12.30 11.95 -0.84
N TYR A 8 11.77 11.06 -0.02
CA TYR A 8 12.45 10.56 1.16
C TYR A 8 12.75 9.09 0.98
N THR A 9 13.84 8.61 1.57
CA THR A 9 14.23 7.21 1.44
C THR A 9 13.36 6.32 2.35
N PRO A 10 13.31 5.00 2.06
CA PRO A 10 12.47 4.09 2.86
C PRO A 10 12.67 4.27 4.36
N ASP A 11 11.56 4.23 5.09
CA ASP A 11 11.56 4.54 6.51
C ASP A 11 10.42 3.78 7.21
N SER A 12 10.64 3.48 8.49
CA SER A 12 9.61 2.94 9.37
C SER A 12 9.40 3.91 10.54
N SER A 13 8.15 4.24 10.81
CA SER A 13 7.82 5.20 11.87
C SER A 13 6.37 5.08 12.27
N ASN A 14 6.07 5.47 13.50
CA ASN A 14 4.68 5.70 13.88
C ASN A 14 4.19 7.01 13.27
N LEU A 15 3.77 6.94 12.01
CA LEU A 15 3.42 8.11 11.20
C LEU A 15 2.23 8.88 11.76
N PRO A 16 2.20 10.20 11.51
CA PRO A 16 1.05 11.04 11.87
C PRO A 16 -0.13 10.83 10.93
N SER A 17 -1.28 11.38 11.29
CA SER A 17 -2.50 11.18 10.52
C SER A 17 -2.84 12.29 9.53
N ASN A 18 -2.16 13.45 9.63
CA ASN A 18 -2.58 14.57 8.78
C ASN A 18 -1.78 14.70 7.49
N TYR A 19 -1.30 13.56 6.98
CA TYR A 19 -0.62 13.51 5.69
C TYR A 19 -0.93 12.24 4.90
N TRP A 20 -0.88 12.35 3.58
CA TRP A 20 -0.82 11.19 2.69
C TRP A 20 0.64 10.89 2.41
N TYR A 21 0.97 9.60 2.41
CA TYR A 21 2.31 9.12 2.08
C TYR A 21 2.25 8.45 0.71
N LEU A 22 2.77 9.17 -0.27
CA LEU A 22 2.80 8.74 -1.66
C LEU A 22 4.10 7.98 -1.91
N ILE A 23 4.00 6.65 -1.98
CA ILE A 23 5.18 5.83 -2.19
C ILE A 23 5.47 5.71 -3.67
N ASN A 24 6.76 5.72 -3.99
CA ASN A 24 7.25 5.63 -5.36
C ASN A 24 8.27 4.49 -5.39
N PRO A 25 7.79 3.25 -5.22
CA PRO A 25 8.73 2.12 -5.08
C PRO A 25 9.54 1.85 -6.33
N LEU A 26 10.85 1.73 -6.13
CA LEU A 26 11.75 1.39 -7.22
C LEU A 26 11.55 -0.04 -7.64
N ASN A 27 11.17 -0.88 -6.69
CA ASN A 27 11.16 -2.33 -6.88
C ASN A 27 9.78 -2.91 -6.68
N ASP A 28 9.51 -4.04 -7.32
CA ASP A 28 8.30 -4.77 -7.03
C ASP A 28 8.43 -5.50 -5.68
N GLY A 29 7.42 -6.29 -5.34
CA GLY A 29 7.42 -6.94 -4.03
C GLY A 29 6.76 -6.07 -2.96
N VAL A 30 7.14 -6.29 -1.71
CA VAL A 30 6.49 -5.61 -0.59
C VAL A 30 6.90 -4.15 -0.59
N VAL A 31 5.94 -3.24 -0.57
CA VAL A 31 6.25 -1.82 -0.63
C VAL A 31 5.71 -1.06 0.59
N PHE A 32 4.83 -1.72 1.34
CA PHE A 32 4.12 -1.11 2.46
C PHE A 32 3.74 -2.20 3.43
N SER A 33 3.87 -1.96 4.74
CA SER A 33 3.32 -2.90 5.71
C SER A 33 3.03 -2.21 7.04
N VAL A 34 2.05 -2.75 7.75
CA VAL A 34 1.78 -2.31 9.10
C VAL A 34 1.09 -3.44 9.86
N THR A 35 1.47 -3.64 11.12
CA THR A 35 0.73 -4.52 12.01
C THR A 35 0.58 -3.88 13.39
N ASN A 36 -0.50 -4.19 14.08
CA ASN A 36 -0.62 -3.84 15.48
C ASN A 36 -0.13 -4.98 16.39
N ASN A 37 0.35 -6.06 15.76
CA ASN A 37 0.95 -7.22 16.43
C ASN A 37 -0.05 -8.18 17.07
N SER A 38 -1.33 -7.91 16.91
CA SER A 38 -2.36 -8.72 17.57
C SER A 38 -3.57 -9.07 16.70
N THR A 39 -4.20 -8.06 16.11
CA THR A 39 -5.45 -8.31 15.38
C THR A 39 -5.45 -7.85 13.93
N PHE A 40 -4.34 -7.25 13.47
CA PHE A 40 -4.29 -6.81 12.07
C PHE A 40 -2.86 -6.77 11.57
N TRP A 41 -2.66 -7.43 10.43
CA TRP A 41 -1.42 -7.36 9.65
C TRP A 41 -1.82 -6.99 8.25
N MET A 42 -1.15 -6.02 7.64
CA MET A 42 -1.42 -5.64 6.27
C MET A 42 -0.12 -5.36 5.54
N PHE A 43 0.00 -5.86 4.32
CA PHE A 43 1.06 -5.37 3.46
C PHE A 43 0.57 -5.22 2.03
N THR A 44 1.30 -4.44 1.24
CA THR A 44 0.98 -4.28 -0.17
C THR A 44 2.14 -4.83 -0.96
N TYR A 45 1.82 -5.64 -1.96
CA TYR A 45 2.81 -6.23 -2.87
C TYR A 45 2.61 -5.65 -4.26
N LEU A 46 3.67 -5.04 -4.81
CA LEU A 46 3.64 -4.52 -6.18
C LEU A 46 3.99 -5.64 -7.17
N ILE A 47 3.08 -5.90 -8.10
CA ILE A 47 3.27 -6.99 -9.06
C ILE A 47 3.45 -6.46 -10.47
N LEU A 48 4.46 -6.95 -11.18
CA LEU A 48 4.71 -6.53 -12.57
C LEU A 48 3.56 -6.96 -13.48
N PRO A 49 3.39 -6.24 -14.60
CA PRO A 49 2.44 -6.71 -15.61
C PRO A 49 2.82 -8.09 -16.13
N ASN A 50 1.83 -8.84 -16.59
CA ASN A 50 2.05 -10.16 -17.19
C ASN A 50 2.73 -11.11 -16.23
N THR A 51 2.29 -11.11 -14.98
CA THR A 51 2.80 -12.06 -14.00
C THR A 51 1.83 -13.21 -13.86
N ALA A 52 2.20 -14.37 -14.36
CA ALA A 52 1.36 -15.56 -14.21
C ALA A 52 1.26 -15.89 -12.74
N GLN A 53 0.20 -16.60 -12.37
CA GLN A 53 -0.01 -16.96 -10.97
C GLN A 53 1.22 -17.69 -10.44
N THR A 54 1.69 -17.23 -9.28
CA THR A 54 2.93 -17.71 -8.68
C THR A 54 2.79 -17.75 -7.18
N ASN A 55 3.26 -18.82 -6.56
CA ASN A 55 3.45 -18.84 -5.12
C ASN A 55 4.84 -18.29 -4.80
N VAL A 56 4.89 -17.22 -3.99
CA VAL A 56 6.15 -16.58 -3.63
C VAL A 56 6.32 -16.54 -2.11
N THR A 57 7.56 -16.65 -1.66
CA THR A 57 7.86 -16.55 -0.23
C THR A 57 8.40 -15.15 0.06
N VAL A 58 7.87 -14.52 1.11
CA VAL A 58 8.27 -13.16 1.43
C VAL A 58 8.52 -13.01 2.92
N ASN A 59 9.49 -12.15 3.23
CA ASN A 59 9.80 -11.78 4.61
C ASN A 59 9.17 -10.44 4.90
N VAL A 60 8.17 -10.42 5.75
CA VAL A 60 7.43 -9.18 6.00
C VAL A 60 6.99 -9.15 7.45
N MET A 61 7.16 -8.00 8.09
CA MET A 61 6.84 -7.79 9.49
C MET A 61 7.33 -8.96 10.36
N ASN A 62 8.58 -9.34 10.15
CA ASN A 62 9.27 -10.32 10.99
C ASN A 62 8.64 -11.70 10.94
N GLU A 63 8.06 -12.02 9.80
CA GLU A 63 7.62 -13.38 9.50
C GLU A 63 7.99 -13.75 8.08
N THR A 64 8.29 -15.03 7.88
CA THR A 64 8.46 -15.59 6.56
C THR A 64 7.16 -16.29 6.18
N VAL A 65 6.49 -15.80 5.14
CA VAL A 65 5.20 -16.33 4.76
C VAL A 65 5.12 -16.62 3.28
N ASN A 66 4.10 -17.38 2.89
CA ASN A 66 3.89 -17.69 1.47
C ASN A 66 2.56 -17.14 1.00
N ILE A 67 2.56 -16.54 -0.18
CA ILE A 67 1.36 -15.97 -0.75
C ILE A 67 1.28 -16.28 -2.23
N SER A 68 0.06 -16.16 -2.77
CA SER A 68 -0.15 -16.24 -4.20
C SER A 68 -0.15 -14.83 -4.76
N ILE A 69 0.52 -14.64 -5.89
CA ILE A 69 0.47 -13.37 -6.60
C ILE A 69 0.10 -13.62 -8.05
N ASP A 70 -0.60 -12.67 -8.66
CA ASP A 70 -0.87 -12.76 -10.08
C ASP A 70 -1.24 -11.38 -10.62
N ASN A 71 -0.90 -11.16 -11.88
CA ASN A 71 -1.26 -9.94 -12.56
C ASN A 71 -1.28 -10.19 -14.05
N SER A 72 -2.45 -10.50 -14.59
CA SER A 72 -2.56 -10.78 -16.02
C SER A 72 -2.68 -9.51 -16.85
N GLY A 73 -2.63 -8.35 -16.19
CA GLY A 73 -2.79 -7.07 -16.86
C GLY A 73 -1.51 -6.54 -17.46
N SER A 74 -1.63 -5.47 -18.24
CA SER A 74 -0.50 -4.91 -18.95
C SER A 74 0.20 -3.79 -18.18
N THR A 75 -0.31 -3.45 -17.01
CA THR A 75 0.34 -2.44 -16.19
C THR A 75 0.57 -2.98 -14.78
N TYR A 76 0.96 -2.10 -13.87
CA TYR A 76 1.25 -2.52 -12.50
C TYR A 76 -0.01 -2.83 -11.71
N ARG A 77 0.13 -3.69 -10.72
CA ARG A 77 -0.95 -3.99 -9.80
C ARG A 77 -0.42 -4.01 -8.38
N PHE A 78 -0.88 -3.05 -7.57
CA PHE A 78 -0.60 -3.06 -6.14
C PHE A 78 -1.67 -3.88 -5.46
N VAL A 79 -1.28 -4.95 -4.76
CA VAL A 79 -2.27 -5.82 -4.13
C VAL A 79 -2.11 -5.85 -2.62
N ASP A 80 -3.21 -5.61 -1.92
CA ASP A 80 -3.23 -5.63 -0.46
C ASP A 80 -3.46 -7.03 0.05
N TYR A 81 -2.70 -7.38 1.09
CA TYR A 81 -2.82 -8.67 1.78
C TYR A 81 -3.03 -8.41 3.26
N PHE A 82 -3.85 -9.21 3.92
CA PHE A 82 -4.09 -9.03 5.35
C PHE A 82 -4.35 -10.34 6.08
N LYS A 83 -4.19 -10.27 7.40
CA LYS A 83 -4.67 -11.33 8.29
C LYS A 83 -5.04 -10.68 9.62
N THR A 84 -5.76 -11.38 10.47
CA THR A 84 -6.23 -10.78 11.70
C THR A 84 -5.78 -11.55 12.95
N SER A 85 -4.87 -12.50 12.76
CA SER A 85 -4.23 -13.17 13.88
C SER A 85 -2.88 -13.69 13.44
N SER A 86 -1.99 -13.85 14.41
CA SER A 86 -0.61 -14.26 14.16
C SER A 86 -0.48 -15.47 13.25
N THR A 87 -1.26 -16.51 13.53
CA THR A 87 -1.07 -17.80 12.88
C THR A 87 -1.94 -18.03 11.65
N GLN A 88 -2.73 -17.03 11.28
CA GLN A 88 -3.51 -17.10 10.03
C GLN A 88 -2.61 -17.02 8.80
N SER A 89 -3.13 -17.49 7.68
CA SER A 89 -2.49 -17.25 6.39
C SER A 89 -2.98 -15.91 5.85
N TYR A 90 -2.14 -15.23 5.09
CA TYR A 90 -2.55 -13.97 4.47
C TYR A 90 -3.58 -14.20 3.37
N ARG A 91 -4.50 -13.26 3.22
CA ARG A 91 -5.51 -13.29 2.17
C ARG A 91 -5.53 -11.97 1.42
N GLN A 92 -5.84 -12.00 0.12
CA GLN A 92 -5.89 -10.79 -0.69
C GLN A 92 -7.13 -9.96 -0.41
N ARG A 93 -6.95 -8.64 -0.45
CA ARG A 93 -8.05 -7.70 -0.35
C ARG A 93 -8.09 -6.86 -1.63
N ASN A 94 -8.09 -5.54 -1.48
CA ASN A 94 -8.21 -4.70 -2.66
C ASN A 94 -6.91 -4.54 -3.41
N TYR A 95 -7.04 -4.03 -4.63
CA TYR A 95 -5.89 -3.79 -5.50
C TYR A 95 -6.04 -2.46 -6.21
N LEU A 96 -4.91 -1.97 -6.70
CA LEU A 96 -4.85 -0.78 -7.52
C LEU A 96 -4.17 -1.15 -8.82
N ILE A 97 -4.85 -0.93 -9.94
CA ILE A 97 -4.27 -1.15 -11.26
C ILE A 97 -3.80 0.19 -11.78
N THR A 98 -2.51 0.28 -12.14
CA THR A 98 -1.98 1.57 -12.52
C THR A 98 -0.79 1.50 -13.44
N GLU A 99 -0.71 2.48 -14.33
CA GLU A 99 0.43 2.67 -15.20
C GLU A 99 1.69 3.04 -14.42
N HIS A 100 1.50 3.61 -13.24
CA HIS A 100 2.57 4.29 -12.51
C HIS A 100 3.05 3.51 -11.31
N ARG A 101 4.31 3.73 -10.93
CA ARG A 101 4.82 3.18 -9.70
C ARG A 101 4.50 4.13 -8.55
N LEU A 102 3.21 4.23 -8.26
CA LEU A 102 2.69 5.14 -7.23
C LEU A 102 1.46 4.55 -6.57
N GLN A 103 1.49 4.55 -5.24
CA GLN A 103 0.36 4.22 -4.39
C GLN A 103 0.45 5.17 -3.21
N ALA A 104 -0.64 5.39 -2.48
CA ALA A 104 -0.60 6.32 -1.37
C ALA A 104 -1.39 5.82 -0.19
N TYR A 105 -0.90 6.14 1.00
CA TYR A 105 -1.49 5.68 2.25
C TYR A 105 -1.73 6.81 3.21
N ARG A 106 -2.79 6.69 3.99
CA ARG A 106 -3.04 7.63 5.07
C ARG A 106 -3.68 6.89 6.22
N ARG A 107 -3.21 7.16 7.43
CA ARG A 107 -3.84 6.58 8.61
C ARG A 107 -4.74 7.63 9.23
N ASP A 108 -6.02 7.34 9.35
CA ASP A 108 -6.95 8.34 9.88
C ASP A 108 -6.88 8.46 11.39
N GLU A 109 -7.72 9.32 11.96
CA GLU A 109 -7.59 9.64 13.37
C GLU A 109 -8.09 8.52 14.28
N SER A 110 -8.77 7.53 13.70
CA SER A 110 -9.18 6.35 14.44
C SER A 110 -8.17 5.20 14.25
N GLY A 111 -7.13 5.45 13.47
CA GLY A 111 -6.08 4.48 13.28
C GLY A 111 -6.25 3.56 12.09
N ASN A 112 -7.21 3.87 11.21
CA ASN A 112 -7.47 3.02 10.06
C ASN A 112 -6.62 3.41 8.86
N ILE A 113 -6.18 2.40 8.11
CA ILE A 113 -5.41 2.64 6.90
C ILE A 113 -6.33 2.87 5.72
N SER A 114 -6.07 3.94 4.98
CA SER A 114 -6.72 4.21 3.71
C SER A 114 -5.69 4.17 2.60
N ASN A 115 -6.10 3.71 1.42
CA ASN A 115 -5.25 3.78 0.25
C ASN A 115 -6.10 3.75 -1.01
N TYR A 116 -5.44 3.77 -2.16
CA TYR A 116 -6.20 3.87 -3.40
C TYR A 116 -6.50 2.47 -3.95
N TRP A 117 -7.76 2.29 -4.33
CA TRP A 117 -8.27 1.03 -4.88
C TRP A 117 -8.87 1.26 -6.26
N GLY A 118 -8.86 0.22 -7.08
CA GLY A 118 -9.51 0.32 -8.37
C GLY A 118 -8.56 0.68 -9.49
N SER A 119 -9.08 1.43 -10.45
CA SER A 119 -8.36 1.70 -11.68
C SER A 119 -8.86 2.98 -12.32
N SER A 120 -7.95 3.94 -12.51
CA SER A 120 -8.28 5.19 -13.17
C SER A 120 -8.80 4.95 -14.60
N THR A 121 -8.22 3.98 -15.28
CA THR A 121 -8.60 3.74 -16.66
C THR A 121 -9.98 3.07 -16.74
N TYR A 122 -10.30 2.22 -15.77
CA TYR A 122 -11.63 1.60 -15.74
C TYR A 122 -12.70 2.57 -15.25
N GLY A 123 -12.35 3.48 -14.34
CA GLY A 123 -13.27 4.51 -13.89
C GLY A 123 -13.77 4.36 -12.47
N ASP A 124 -13.15 3.47 -11.70
CA ASP A 124 -13.58 3.29 -10.32
C ASP A 124 -12.45 3.56 -9.31
N LEU A 125 -11.45 4.35 -9.70
CA LEU A 125 -10.42 4.73 -8.75
C LEU A 125 -11.07 5.42 -7.55
N ARG A 126 -10.69 5.01 -6.35
CA ARG A 126 -11.29 5.55 -5.14
C ARG A 126 -10.34 5.38 -3.97
N VAL A 127 -10.52 6.19 -2.95
CA VAL A 127 -9.86 5.95 -1.68
C VAL A 127 -10.74 5.01 -0.87
N GLY A 128 -10.17 3.91 -0.41
CA GLY A 128 -10.94 3.02 0.44
C GLY A 128 -10.25 2.86 1.78
N THR A 129 -11.05 2.67 2.83
CA THR A 129 -10.54 2.55 4.19
C THR A 129 -10.78 1.15 4.72
N TYR A 130 -9.73 0.55 5.27
CA TYR A 130 -9.85 -0.73 5.95
C TYR A 130 -10.17 -0.47 7.42
N PHE A 131 -11.34 -0.91 7.88
CA PHE A 131 -11.75 -0.66 9.25
C PHE A 131 -11.16 -1.72 10.19
N ASN A 132 -9.88 -1.51 10.46
CA ASN A 132 -9.04 -2.36 11.30
C ASN A 132 -8.04 -1.46 11.97
N PRO A 133 -8.40 -0.87 13.10
CA PRO A 133 -7.56 0.20 13.65
C PRO A 133 -6.20 -0.28 14.10
N VAL A 134 -5.18 0.51 13.78
CA VAL A 134 -3.81 0.22 14.20
C VAL A 134 -3.21 1.49 14.78
N LEU A 135 -3.86 2.04 15.80
CA LEU A 135 -3.34 3.24 16.46
C LEU A 135 -1.92 3.02 16.97
N ASN A 136 -1.06 3.99 16.67
CA ASN A 136 0.34 4.02 17.09
C ASN A 136 1.22 2.90 16.55
N ALA A 137 0.69 2.09 15.64
CA ALA A 137 1.49 1.04 15.02
C ALA A 137 2.58 1.64 14.14
N VAL A 138 3.75 0.99 14.12
CA VAL A 138 4.82 1.39 13.23
C VAL A 138 4.42 1.03 11.80
N ILE A 139 4.50 2.02 10.92
CA ILE A 139 4.22 1.80 9.50
C ILE A 139 5.54 1.72 8.75
N ASN A 140 5.69 0.67 7.95
CA ASN A 140 6.92 0.45 7.20
C ASN A 140 6.70 0.87 5.75
N LEU A 141 7.37 1.95 5.33
CA LEU A 141 7.33 2.37 3.94
C LEU A 141 8.56 1.83 3.24
N ASN A 142 8.39 0.74 2.49
CA ASN A 142 9.50 0.05 1.85
C ASN A 142 9.71 0.59 0.45
N ALA A 143 9.90 1.90 0.37
CA ALA A 143 9.88 2.64 -0.87
C ALA A 143 10.24 4.07 -0.62
N ASP A 144 10.87 4.72 -1.59
CA ASP A 144 11.01 6.16 -1.56
C ASP A 144 9.61 6.75 -1.54
N PHE A 145 9.44 7.90 -0.88
CA PHE A 145 8.08 8.42 -0.77
C PHE A 145 8.05 9.94 -0.67
N TYR A 146 6.86 10.46 -0.92
CA TYR A 146 6.55 11.86 -0.79
C TYR A 146 5.43 12.04 0.21
N ILE A 147 5.29 13.26 0.70
CA ILE A 147 4.29 13.56 1.71
C ILE A 147 3.39 14.68 1.23
N ILE A 148 2.10 14.52 1.44
CA ILE A 148 1.08 15.45 0.98
C ILE A 148 0.09 15.73 2.10
N PRO A 149 -0.09 17.01 2.47
CA PRO A 149 -1.05 17.35 3.52
C PRO A 149 -2.44 16.77 3.25
N ASP A 150 -3.08 16.32 4.31
CA ASP A 150 -4.38 15.65 4.22
C ASP A 150 -5.47 16.51 3.57
N SER A 151 -5.32 17.83 3.67
CA SER A 151 -6.27 18.75 3.08
C SER A 151 -6.17 18.78 1.56
N GLN A 152 -5.11 18.17 1.04
CA GLN A 152 -4.83 18.17 -0.39
C GLN A 152 -4.99 16.79 -1.04
N GLN A 153 -6.00 16.03 -0.61
CA GLN A 153 -6.23 14.70 -1.18
C GLN A 153 -6.38 14.76 -2.69
N GLU A 154 -6.98 15.83 -3.19
CA GLU A 154 -7.17 15.93 -4.63
C GLU A 154 -5.84 15.97 -5.36
N LYS A 155 -4.83 16.58 -4.74
CA LYS A 155 -3.49 16.64 -5.32
C LYS A 155 -2.89 15.25 -5.35
N CYS A 156 -3.10 14.51 -4.27
CA CYS A 156 -2.62 13.12 -4.23
C CYS A 156 -3.29 12.29 -5.32
N THR A 157 -4.59 12.46 -5.51
CA THR A 157 -5.30 11.73 -6.55
C THR A 157 -4.73 12.04 -7.94
N GLU A 158 -4.41 13.30 -8.16
CA GLU A 158 -3.82 13.75 -9.41
C GLU A 158 -2.53 12.97 -9.71
N TYR A 159 -1.69 12.80 -8.70
CA TYR A 159 -0.45 12.04 -8.91
C TYR A 159 -0.72 10.56 -9.14
N ILE A 160 -1.66 9.98 -8.38
CA ILE A 160 -2.01 8.58 -8.54
C ILE A 160 -2.47 8.30 -9.96
N LYS A 161 -3.24 9.24 -10.53
CA LYS A 161 -3.74 9.09 -11.89
C LYS A 161 -2.70 9.33 -12.95
N GLY A 162 -1.87 10.37 -12.76
CA GLY A 162 -1.04 10.91 -13.82
C GLY A 162 0.46 10.69 -13.72
N GLY A 163 0.91 10.19 -12.57
CA GLY A 163 2.34 10.02 -12.34
C GLY A 163 3.01 11.28 -11.84
N LEU A 164 4.25 11.14 -11.36
CA LEU A 164 5.05 12.31 -10.99
C LEU A 164 5.50 13.07 -12.23
#